data_2PXT
#
_entry.id   2PXT
#
_cell.length_a   134.380
_cell.length_b   78.520
_cell.length_c   32.600
_cell.angle_alpha   90.000
_cell.angle_beta   94.990
_cell.angle_gamma   90.000
#
_symmetry.space_group_name_H-M   'C 1 2 1'
#
loop_
_entity.id
_entity.type
_entity.pdbx_description
1 polymer '4.5 S RNA'
2 polymer 'Signal recognition particle protein'
3 non-polymer 'COBALT HEXAMMINE(III)'
#
loop_
_entity_poly.entity_id
_entity_poly.type
_entity_poly.pdbx_seq_one_letter_code
_entity_poly.pdbx_strand_id
1 'polyribonucleotide' GCUGCUGUUUACCAGGUCAGGUCCGAAAGGAAGCAGCCAAGGCAGCGGC B
2 'polypeptide(L)'
;FDLNDFLEQLRQMKN(MSE)GG(MSE)ASL(MSE)GKLPG(MSE)GQIPDNVKSQ(MSE)DDKVLVR(MSE)EAIINS
(MSE)T(MSE)KERAKPEIIKGSRKRRIAAGSG(MSE)QVQDVNRLLKQFDD(MSE)QR(MSE)(MSE)KK(MSE)
;
A
#
loop_
_chem_comp.id
_chem_comp.type
_chem_comp.name
_chem_comp.formula
A RNA linking ADENOSINE-5'-MONOPHOSPHATE 'C10 H14 N5 O7 P'
C RNA linking CYTIDINE-5'-MONOPHOSPHATE 'C9 H14 N3 O8 P'
G RNA linking GUANOSINE-5'-MONOPHOSPHATE 'C10 H14 N5 O8 P'
NCO non-polymer 'COBALT HEXAMMINE(III)' 'Co H18 N6 3'
U RNA linking URIDINE-5'-MONOPHOSPHATE 'C9 H13 N2 O9 P'
#
# COMPACT_ATOMS: atom_id res chain seq x y z
N PHE B 1 -11.60 -6.46 3.92
CA PHE B 1 -10.95 -5.79 2.75
C PHE B 1 -9.54 -5.29 3.10
N ASP B 2 -8.53 -5.99 2.60
CA ASP B 2 -7.14 -5.62 2.87
C ASP B 2 -6.40 -5.15 1.62
N LEU B 3 -5.09 -4.95 1.75
CA LEU B 3 -4.27 -4.49 0.63
C LEU B 3 -4.11 -5.53 -0.49
N ASN B 4 -4.60 -6.74 -0.25
CA ASN B 4 -4.50 -7.79 -1.26
C ASN B 4 -5.65 -7.61 -2.25
N ASP B 5 -6.83 -7.35 -1.69
CA ASP B 5 -8.01 -7.13 -2.50
C ASP B 5 -7.76 -5.86 -3.29
N PHE B 6 -7.28 -4.83 -2.61
CA PHE B 6 -6.98 -3.56 -3.28
C PHE B 6 -6.03 -3.78 -4.44
N LEU B 7 -5.20 -4.81 -4.33
CA LEU B 7 -4.23 -5.15 -5.36
C LEU B 7 -4.89 -5.75 -6.59
N GLU B 8 -5.97 -6.49 -6.38
CA GLU B 8 -6.69 -7.12 -7.49
C GLU B 8 -7.30 -6.01 -8.36
N GLN B 9 -7.46 -4.84 -7.75
CA GLN B 9 -8.03 -3.68 -8.43
C GLN B 9 -6.94 -2.70 -8.87
N LYS B 43 0.16 2.25 -16.53
CA LYS B 43 1.27 3.20 -16.42
C LYS B 43 1.59 3.46 -14.95
N VAL B 44 0.71 4.19 -14.28
CA VAL B 44 0.91 4.51 -12.87
C VAL B 44 0.46 3.30 -12.06
N LEU B 45 -0.39 2.47 -12.66
CA LEU B 45 -0.89 1.27 -11.99
C LEU B 45 0.22 0.24 -11.80
N VAL B 46 1.22 0.23 -12.69
CA VAL B 46 2.31 -0.74 -12.57
C VAL B 46 3.19 -0.41 -11.37
N ARG B 47 3.33 0.87 -11.06
CA ARG B 47 4.14 1.30 -9.93
C ARG B 47 3.38 1.15 -8.61
N MSE B 48 2.05 1.05 -8.68
CA MSE B 48 1.23 0.84 -7.49
C MSE B 48 1.38 -0.63 -7.09
O MSE B 48 1.45 -0.95 -5.89
CB MSE B 48 -0.23 1.18 -7.76
CG MSE B 48 -0.53 2.66 -7.62
SE MSE B 48 -2.42 3.06 -7.56
CE MSE B 48 -3.00 1.54 -6.52
N GLU B 49 1.41 -1.52 -8.07
CA GLU B 49 1.61 -2.94 -7.80
C GLU B 49 3.01 -3.08 -7.21
N ALA B 50 3.98 -2.40 -7.83
CA ALA B 50 5.37 -2.44 -7.40
C ALA B 50 5.50 -2.21 -5.90
N ILE B 51 4.83 -1.16 -5.42
CA ILE B 51 4.86 -0.83 -4.00
C ILE B 51 4.27 -1.96 -3.15
N ILE B 52 3.06 -2.39 -3.46
CA ILE B 52 2.44 -3.46 -2.69
C ILE B 52 3.26 -4.74 -2.81
N ASN B 53 3.79 -5.01 -4.00
CA ASN B 53 4.61 -6.18 -4.22
C ASN B 53 5.88 -6.22 -3.38
N SER B 54 6.15 -5.14 -2.66
CA SER B 54 7.35 -5.10 -1.86
C SER B 54 7.06 -5.20 -0.35
N MSE B 55 5.79 -5.40 0.00
CA MSE B 55 5.42 -5.52 1.41
C MSE B 55 5.40 -6.99 1.80
O MSE B 55 5.45 -7.87 0.94
CB MSE B 55 4.05 -4.93 1.65
CG MSE B 55 3.75 -3.73 0.80
SE MSE B 55 2.07 -2.99 1.27
CE MSE B 55 2.54 -1.11 1.20
N THR B 56 5.31 -7.27 3.09
CA THR B 56 5.24 -8.66 3.54
C THR B 56 3.75 -9.03 3.59
N MSE B 57 3.44 -10.29 3.86
CA MSE B 57 2.04 -10.65 3.96
C MSE B 57 1.36 -9.92 5.11
O MSE B 57 0.31 -9.31 4.91
CB MSE B 57 1.88 -12.17 4.11
CG MSE B 57 1.64 -12.85 2.78
SE MSE B 57 0.46 -11.79 1.66
CE MSE B 57 -1.17 -11.98 2.70
N LYS B 58 1.93 -9.98 6.30
CA LYS B 58 1.30 -9.29 7.43
C LYS B 58 0.96 -7.85 7.10
N GLU B 59 1.86 -7.17 6.38
CA GLU B 59 1.61 -5.79 6.03
C GLU B 59 0.43 -5.62 5.10
N ARG B 60 0.30 -6.52 4.12
CA ARG B 60 -0.80 -6.46 3.18
C ARG B 60 -2.15 -6.73 3.83
N ALA B 61 -2.13 -7.52 4.90
CA ALA B 61 -3.33 -7.89 5.63
C ALA B 61 -3.78 -6.91 6.70
N LYS B 62 -2.82 -6.35 7.43
CA LYS B 62 -3.11 -5.39 8.50
C LYS B 62 -2.29 -4.12 8.26
N PRO B 63 -2.67 -3.35 7.23
CA PRO B 63 -2.03 -2.09 6.81
C PRO B 63 -1.61 -1.10 7.87
N GLU B 64 -2.38 -0.99 8.94
CA GLU B 64 -2.06 -0.02 10.00
C GLU B 64 -0.74 -0.25 10.71
N ILE B 65 -0.15 -1.44 10.57
CA ILE B 65 1.13 -1.69 11.23
C ILE B 65 2.28 -1.03 10.45
N ILE B 66 1.99 -0.57 9.23
CA ILE B 66 3.01 0.06 8.41
C ILE B 66 3.36 1.49 8.83
N LYS B 67 4.38 1.62 9.67
CA LYS B 67 4.83 2.95 10.12
C LYS B 67 6.08 3.40 9.34
N GLY B 68 6.86 4.27 9.97
CA GLY B 68 8.04 4.84 9.33
C GLY B 68 9.10 3.90 8.81
N SER B 69 9.59 3.02 9.69
CA SER B 69 10.63 2.08 9.33
C SER B 69 10.25 1.19 8.16
N ARG B 70 9.06 0.61 8.23
CA ARG B 70 8.60 -0.27 7.15
C ARG B 70 8.40 0.53 5.86
N LYS B 71 7.86 1.74 5.95
CA LYS B 71 7.69 2.57 4.75
C LYS B 71 9.06 2.75 4.09
N ARG B 72 10.10 2.99 4.88
CA ARG B 72 11.42 3.12 4.28
C ARG B 72 11.82 1.86 3.51
N ARG B 73 11.63 0.69 4.12
CA ARG B 73 12.00 -0.56 3.48
C ARG B 73 11.24 -0.75 2.17
N ILE B 74 9.94 -0.48 2.23
CA ILE B 74 9.04 -0.60 1.10
C ILE B 74 9.40 0.33 -0.06
N ALA B 75 9.60 1.61 0.26
CA ALA B 75 9.96 2.59 -0.76
C ALA B 75 11.24 2.19 -1.50
N ALA B 76 12.34 2.00 -0.78
CA ALA B 76 13.59 1.61 -1.44
C ALA B 76 13.44 0.28 -2.16
N GLY B 77 12.66 -0.63 -1.57
CA GLY B 77 12.45 -1.93 -2.15
C GLY B 77 11.80 -1.90 -3.52
N SER B 78 10.94 -0.91 -3.73
CA SER B 78 10.25 -0.75 -5.01
C SER B 78 10.84 0.44 -5.77
N GLY B 79 12.02 0.87 -5.35
CA GLY B 79 12.69 1.99 -5.99
C GLY B 79 11.87 3.26 -6.03
N MSE B 80 10.99 3.40 -5.04
CA MSE B 80 10.11 4.57 -4.92
C MSE B 80 10.60 5.53 -3.83
O MSE B 80 11.73 5.44 -3.36
CB MSE B 80 8.70 4.10 -4.56
CG MSE B 80 8.07 3.22 -5.60
SE MSE B 80 7.73 4.23 -7.17
CE MSE B 80 9.40 3.98 -8.09
N GLN B 81 9.71 6.45 -3.47
CA GLN B 81 9.98 7.43 -2.44
C GLN B 81 8.91 7.22 -1.39
N VAL B 82 9.23 7.46 -0.12
CA VAL B 82 8.24 7.24 0.93
C VAL B 82 6.91 7.89 0.54
N GLN B 83 6.99 9.13 0.09
CA GLN B 83 5.80 9.88 -0.33
C GLN B 83 4.91 9.07 -1.28
N ASP B 84 5.53 8.33 -2.20
CA ASP B 84 4.80 7.48 -3.13
C ASP B 84 4.04 6.43 -2.32
N VAL B 85 4.73 5.81 -1.37
CA VAL B 85 4.12 4.81 -0.50
C VAL B 85 2.95 5.42 0.27
N ASN B 86 3.20 6.58 0.89
CA ASN B 86 2.16 7.28 1.64
C ASN B 86 0.97 7.58 0.72
N ARG B 87 1.28 7.97 -0.50
CA ARG B 87 0.25 8.27 -1.50
C ARG B 87 -0.61 7.05 -1.79
N LEU B 88 0.02 5.87 -1.75
CA LEU B 88 -0.66 4.60 -2.02
C LEU B 88 -1.51 4.20 -0.81
N LEU B 89 -0.90 4.22 0.37
CA LEU B 89 -1.58 3.87 1.61
C LEU B 89 -2.77 4.80 1.80
N LYS B 90 -2.59 6.05 1.36
CA LYS B 90 -3.60 7.10 1.43
C LYS B 90 -4.76 6.73 0.49
N GLN B 91 -4.43 6.28 -0.72
CA GLN B 91 -5.45 5.89 -1.69
C GLN B 91 -6.19 4.65 -1.21
N PHE B 92 -5.43 3.65 -0.75
CA PHE B 92 -6.03 2.43 -0.25
C PHE B 92 -6.97 2.82 0.88
N ASP B 93 -6.60 3.87 1.60
CA ASP B 93 -7.39 4.36 2.71
C ASP B 93 -8.74 4.85 2.20
N ASP B 94 -8.73 5.90 1.36
CA ASP B 94 -9.98 6.42 0.82
C ASP B 94 -10.77 5.22 0.28
N MSE B 95 -10.04 4.29 -0.32
CA MSE B 95 -10.63 3.08 -0.89
C MSE B 95 -11.26 2.21 0.19
O MSE B 95 -12.39 1.78 0.05
CB MSE B 95 -9.55 2.28 -1.63
CG MSE B 95 -9.95 0.86 -2.02
SE MSE B 95 -11.31 0.73 -3.39
CE MSE B 95 -10.18 0.93 -4.94
N GLN B 96 -10.50 1.96 1.25
CA GLN B 96 -10.99 1.14 2.35
C GLN B 96 -12.20 1.82 2.97
N ARG B 97 -12.09 3.13 3.17
CA ARG B 97 -13.18 3.92 3.75
C ARG B 97 -14.43 3.86 2.88
N MSE B 98 -14.22 3.76 1.57
CA MSE B 98 -15.32 3.68 0.61
C MSE B 98 -15.99 2.32 0.72
O MSE B 98 -17.06 2.10 0.14
CB MSE B 98 -14.79 3.86 -0.81
CG MSE B 98 -15.60 4.82 -1.67
SE MSE B 98 -15.01 6.65 -1.47
CE MSE B 98 -15.85 7.09 0.21
N MSE B 99 -15.37 1.42 1.47
CA MSE B 99 -15.90 0.07 1.65
C MSE B 99 -16.67 -0.01 2.96
O MSE B 99 -17.65 -0.75 3.08
CB MSE B 99 -14.77 -0.95 1.64
CG MSE B 99 -13.79 -0.79 0.48
SE MSE B 99 -14.60 -0.93 -1.27
CE MSE B 99 -14.38 -2.83 -1.56
N LYS B 100 -16.21 0.73 3.97
CA LYS B 100 -16.86 0.76 5.27
C LYS B 100 -18.07 1.69 5.20
N LYS B 101 -18.71 1.71 4.04
CA LYS B 101 -19.90 2.54 3.80
C LYS B 101 -20.79 1.88 2.75
N MSE B 102 -21.13 0.62 3.00
CA MSE B 102 -21.99 -0.17 2.12
C MSE B 102 -21.87 -1.65 2.49
O MSE B 102 -22.91 -2.27 2.81
OXT MSE B 102 -20.74 -2.19 2.45
CB MSE B 102 -21.62 0.01 0.65
CG MSE B 102 -20.23 -0.48 0.28
SE MSE B 102 -20.03 -0.64 -1.62
CE MSE B 102 -20.72 -2.43 -1.85
CO NCO C . 15.48 -24.44 11.83
N1 NCO C . 15.52 -23.24 13.39
N2 NCO C . 15.45 -25.64 10.30
N3 NCO C . 16.74 -23.27 10.89
N4 NCO C . 14.23 -25.62 12.79
N5 NCO C . 16.98 -25.46 12.58
N6 NCO C . 13.97 -23.43 11.09
CO NCO D . 17.53 -10.51 2.67
N1 NCO D . 18.45 -10.16 4.35
N2 NCO D . 16.59 -10.86 0.97
N3 NCO D . 18.80 -9.37 1.72
N4 NCO D . 16.25 -11.66 3.62
N5 NCO D . 18.69 -12.07 2.36
N6 NCO D . 16.37 -8.96 2.98
CO NCO E . 14.59 -6.61 -13.61
N1 NCO E . 15.90 -6.04 -12.28
N2 NCO E . 13.27 -7.17 -14.96
N3 NCO E . 15.76 -5.94 -15.04
N4 NCO E . 13.41 -7.27 -12.19
N5 NCO E . 15.46 -8.37 -13.73
N6 NCO E . 13.72 -4.85 -13.51
CO NCO F . 16.39 5.45 -19.01
N1 NCO F . 17.30 3.82 -18.41
N2 NCO F . 15.50 7.10 -19.61
N3 NCO F . 17.96 5.92 -20.10
N4 NCO F . 14.82 4.99 -17.93
N5 NCO F . 15.63 4.49 -20.54
N6 NCO F . 17.16 6.42 -17.49
CO NCO G . 18.18 -3.99 -19.46
N1 NCO G . 19.95 -4.12 -18.63
N2 NCO G . 16.40 -3.86 -20.29
N3 NCO G . 17.39 -3.61 -17.71
N4 NCO G . 18.97 -4.37 -21.22
N5 NCO G . 18.46 -2.07 -19.75
N6 NCO G . 17.90 -5.91 -19.17
CO NCO H . 23.25 -9.59 -7.55
N1 NCO H . 24.99 -9.32 -6.67
N2 NCO H . 21.52 -9.85 -8.41
N3 NCO H . 23.11 -7.66 -7.86
N4 NCO H . 23.39 -11.52 -7.23
N5 NCO H . 24.15 -9.80 -9.27
N6 NCO H . 22.35 -9.36 -5.81
CO NCO I . 18.70 -33.78 24.53
N1 NCO I . 19.11 -34.17 26.41
N2 NCO I . 18.27 -33.38 22.65
N3 NCO I . 18.41 -31.89 24.99
N4 NCO I . 18.97 -35.66 24.07
N5 NCO I . 20.59 -33.41 24.19
N6 NCO I . 16.80 -34.13 24.88
CO NCO J . 21.85 -24.87 16.84
N1 NCO J . 21.38 -25.76 15.15
N2 NCO J . 22.31 -23.97 18.54
N3 NCO J . 23.50 -24.17 16.03
N4 NCO J . 20.19 -25.57 17.65
N5 NCO J . 20.89 -23.25 16.26
N6 NCO J . 22.81 -26.49 17.42
#